data_6N7A
#
_entry.id   6N7A
#
_cell.length_a   42.720
_cell.length_b   173.230
_cell.length_c   45.060
_cell.angle_alpha   90.00
_cell.angle_beta   94.17
_cell.angle_gamma   90.00
#
_symmetry.space_group_name_H-M   'P 1 21 1'
#
loop_
_entity.id
_entity.type
_entity.pdbx_description
1 polymer 'Tyrosine-protein kinase JAK1'
2 non-polymer GLYCEROL
3 non-polymer N-[3-(5-chloro-2-methoxyphenyl)-1-methyl-1H-pyrazol-4-yl]-2-methyl-2H-pyrazolo[4,3-c]pyridine-7-carboxamide
4 water water
#
_entity_poly.entity_id   1
_entity_poly.type   'polypeptide(L)'
_entity_poly.pdbx_seq_one_letter_code
;GSGDIVSEKKPATEVDPTHFEKRFLKRIRDLGEGHFGKVELCRYDPEGDNTGEQVAVKSLKPESGGNHIADLKKEIEILR
NLYHENIVKYKGICTEDGGNGIKLIMEFLPSGSLKEYLPKNKNKINLKQQLKYAVQICKGMDYLGSRQYVHRDLAARNVL
VESEHQVKIGDFGLTKAIETDKE(PTR)(PTR)TVKDDRDSPVFWYAPECLMQSKFYIASDVWSFGVTLHELLTYCDSDS
SPMALFLKMIGPTHGQMTVTRLVNTLKEGKRLPCPPNCPDEVYQLMRKCWEFQPSNRTSFQNLIEGFEALLK
;
_entity_poly.pdbx_strand_id   A,B
#
# COMPACT_ATOMS: atom_id res chain seq x y z
N VAL A 15 -9.66 36.00 -36.77
CA VAL A 15 -8.60 35.30 -36.05
C VAL A 15 -8.97 35.13 -34.57
N ASP A 16 -8.95 33.88 -34.09
CA ASP A 16 -9.25 33.56 -32.70
C ASP A 16 -7.94 33.66 -31.88
N PRO A 17 -7.82 34.63 -30.94
CA PRO A 17 -6.56 34.78 -30.18
C PRO A 17 -6.26 33.61 -29.24
N THR A 18 -7.26 32.75 -29.02
CA THR A 18 -7.08 31.59 -28.16
C THR A 18 -6.77 30.34 -28.97
N HIS A 19 -6.67 30.46 -30.34
CA HIS A 19 -6.34 29.32 -31.18
CA HIS A 19 -6.35 29.31 -31.17
C HIS A 19 -4.86 29.42 -31.54
N PHE A 20 -4.07 28.47 -31.06
CA PHE A 20 -2.63 28.42 -31.32
C PHE A 20 -2.38 27.33 -32.37
N GLU A 21 -1.95 27.76 -33.57
CA GLU A 21 -1.66 26.84 -34.68
C GLU A 21 -0.43 26.05 -34.38
N LYS A 22 -0.49 24.73 -34.55
CA LYS A 22 0.64 23.84 -34.23
C LYS A 22 1.92 24.26 -34.99
N ARG A 23 1.75 24.71 -36.26
CA ARG A 23 2.89 25.09 -37.11
C ARG A 23 3.74 26.19 -36.54
N PHE A 24 3.17 27.04 -35.67
CA PHE A 24 3.90 28.14 -35.08
C PHE A 24 4.20 27.92 -33.63
N LEU A 25 3.77 26.79 -33.04
CA LEU A 25 4.00 26.56 -31.62
C LEU A 25 5.28 25.76 -31.47
N LYS A 26 6.36 26.47 -31.17
CA LYS A 26 7.65 25.85 -31.16
C LYS A 26 8.11 25.42 -29.80
N ARG A 27 8.37 24.12 -29.61
CA ARG A 27 8.86 23.65 -28.32
C ARG A 27 10.29 24.14 -28.05
N ILE A 28 10.54 24.66 -26.84
CA ILE A 28 11.85 25.13 -26.42
C ILE A 28 12.52 24.12 -25.50
N ARG A 29 11.85 23.76 -24.37
CA ARG A 29 12.43 22.82 -23.42
C ARG A 29 11.33 22.35 -22.45
N ASP A 30 11.64 21.30 -21.68
CA ASP A 30 10.71 20.84 -20.65
C ASP A 30 10.66 21.82 -19.51
N LEU A 31 9.49 21.90 -18.86
CA LEU A 31 9.38 22.59 -17.59
C LEU A 31 9.13 21.55 -16.50
N GLY A 32 8.31 20.55 -16.76
CA GLY A 32 8.05 19.55 -15.73
C GLY A 32 7.25 18.40 -16.27
N GLU A 33 7.20 17.32 -15.53
CA GLU A 33 6.53 16.14 -16.03
C GLU A 33 6.04 15.28 -14.86
N GLY A 34 4.87 14.70 -15.04
CA GLY A 34 4.29 13.76 -14.09
C GLY A 34 4.11 12.41 -14.74
N HIS A 35 3.33 11.54 -14.09
CA HIS A 35 3.06 10.20 -14.62
C HIS A 35 2.37 10.30 -15.99
N PHE A 36 1.36 11.17 -16.14
CA PHE A 36 0.63 11.28 -17.40
C PHE A 36 0.76 12.61 -18.13
N GLY A 37 0.91 13.68 -17.38
CA GLY A 37 1.01 15.03 -17.94
C GLY A 37 2.43 15.52 -18.12
N LYS A 38 2.56 16.50 -19.00
CA LYS A 38 3.82 17.13 -19.28
C LYS A 38 3.62 18.62 -19.49
N VAL A 39 4.56 19.45 -19.03
CA VAL A 39 4.50 20.90 -19.27
C VAL A 39 5.80 21.28 -19.96
N GLU A 40 5.67 22.01 -21.07
CA GLU A 40 6.83 22.47 -21.85
C GLU A 40 6.76 23.95 -22.07
N LEU A 41 7.97 24.58 -22.13
CA LEU A 41 8.09 25.95 -22.55
C LEU A 41 8.08 25.93 -24.07
N CYS A 42 7.18 26.72 -24.69
CA CYS A 42 7.15 26.92 -26.15
C CYS A 42 7.16 28.39 -26.46
N ARG A 43 7.49 28.72 -27.72
CA ARG A 43 7.36 30.09 -28.18
CA ARG A 43 7.39 30.08 -28.21
C ARG A 43 6.35 30.03 -29.32
N TYR A 44 5.29 30.84 -29.26
CA TYR A 44 4.31 30.86 -30.33
C TYR A 44 4.82 31.95 -31.28
N ASP A 45 5.37 31.52 -32.41
CA ASP A 45 6.17 32.38 -33.25
C ASP A 45 5.71 32.48 -34.71
N PRO A 46 4.51 33.08 -34.96
CA PRO A 46 4.00 33.19 -36.33
C PRO A 46 4.90 33.98 -37.26
N GLU A 47 5.69 34.94 -36.74
CA GLU A 47 6.59 35.73 -37.59
C GLU A 47 7.90 35.00 -37.90
N GLY A 48 8.15 33.87 -37.22
CA GLY A 48 9.31 33.01 -37.47
C GLY A 48 10.68 33.58 -37.15
N ASP A 49 10.76 34.66 -36.38
CA ASP A 49 12.05 35.28 -36.04
C ASP A 49 12.41 35.21 -34.54
N ASN A 50 11.72 34.32 -33.78
CA ASN A 50 11.96 34.11 -32.35
C ASN A 50 11.60 35.34 -31.49
N THR A 51 10.61 36.15 -31.94
CA THR A 51 10.12 37.31 -31.19
C THR A 51 8.74 37.04 -30.58
N GLY A 52 8.16 35.89 -30.91
CA GLY A 52 6.84 35.54 -30.40
C GLY A 52 6.81 35.36 -28.89
N GLU A 53 5.60 35.29 -28.34
CA GLU A 53 5.42 35.15 -26.90
C GLU A 53 5.79 33.72 -26.42
N GLN A 54 6.45 33.65 -25.27
CA GLN A 54 6.71 32.37 -24.65
C GLN A 54 5.43 31.96 -23.87
N VAL A 55 5.10 30.67 -23.93
CA VAL A 55 3.90 30.15 -23.26
C VAL A 55 4.23 28.80 -22.65
N ALA A 56 3.51 28.41 -21.58
CA ALA A 56 3.64 27.09 -21.02
C ALA A 56 2.54 26.24 -21.63
N VAL A 57 2.89 25.03 -22.03
CA VAL A 57 1.98 24.14 -22.75
C VAL A 57 1.87 22.81 -22.05
N LYS A 58 0.63 22.46 -21.62
CA LYS A 58 0.40 21.19 -20.94
C LYS A 58 -0.19 20.21 -21.97
N SER A 59 0.37 19.00 -21.98
CA SER A 59 -0.06 17.94 -22.88
C SER A 59 -0.02 16.62 -22.11
N LEU A 60 -0.53 15.58 -22.74
CA LEU A 60 -0.44 14.24 -22.16
C LEU A 60 0.63 13.48 -22.87
N LYS A 61 1.26 12.56 -22.13
CA LYS A 61 2.29 11.70 -22.68
C LYS A 61 1.62 10.62 -23.55
N PRO A 62 2.26 10.20 -24.67
CA PRO A 62 1.64 9.17 -25.54
C PRO A 62 1.44 7.83 -24.83
N HIS A 68 -7.28 9.58 -20.26
CA HIS A 68 -6.66 10.80 -19.75
C HIS A 68 -6.92 12.00 -20.68
N ILE A 69 -7.14 11.77 -22.00
CA ILE A 69 -7.41 12.85 -22.97
C ILE A 69 -8.68 13.61 -22.57
N ALA A 70 -9.73 12.85 -22.18
CA ALA A 70 -11.00 13.43 -21.73
C ALA A 70 -10.75 14.33 -20.50
N ASP A 71 -9.85 13.88 -19.58
CA ASP A 71 -9.50 14.67 -18.40
C ASP A 71 -8.85 16.01 -18.76
N LEU A 72 -7.87 16.01 -19.69
CA LEU A 72 -7.25 17.27 -20.07
C LEU A 72 -8.29 18.21 -20.71
N LYS A 73 -9.25 17.67 -21.52
CA LYS A 73 -10.28 18.53 -22.09
C LYS A 73 -11.14 19.17 -20.98
N LYS A 74 -11.38 18.43 -19.90
CA LYS A 74 -12.14 18.98 -18.78
C LYS A 74 -11.32 20.05 -18.03
N GLU A 75 -10.02 19.81 -17.86
CA GLU A 75 -9.15 20.79 -17.19
C GLU A 75 -9.10 22.08 -18.01
N ILE A 76 -8.99 21.95 -19.35
CA ILE A 76 -8.95 23.10 -20.23
C ILE A 76 -10.20 23.92 -20.04
N GLU A 77 -11.37 23.25 -19.97
CA GLU A 77 -12.60 24.00 -19.87
C GLU A 77 -12.76 24.66 -18.49
N ILE A 78 -12.25 24.00 -17.41
CA ILE A 78 -12.25 24.65 -16.10
C ILE A 78 -11.38 25.92 -16.15
N LEU A 79 -10.14 25.81 -16.61
CA LEU A 79 -9.25 26.98 -16.56
C LEU A 79 -9.69 28.10 -17.48
N ARG A 80 -10.28 27.74 -18.65
CA ARG A 80 -10.79 28.76 -19.58
C ARG A 80 -11.84 29.64 -18.90
N ASN A 81 -12.52 29.11 -17.89
CA ASN A 81 -13.57 29.87 -17.19
C ASN A 81 -13.13 30.44 -15.84
N LEU A 82 -11.81 30.36 -15.49
CA LEU A 82 -11.36 30.93 -14.20
C LEU A 82 -10.57 32.19 -14.51
N TYR A 83 -10.84 33.27 -13.81
CA TYR A 83 -10.17 34.54 -14.01
C TYR A 83 -9.87 35.13 -12.63
N HIS A 84 -8.62 35.04 -12.18
CA HIS A 84 -8.26 35.59 -10.87
C HIS A 84 -6.78 35.90 -10.86
N GLU A 85 -6.37 36.96 -10.14
CA GLU A 85 -4.96 37.30 -10.13
C GLU A 85 -4.02 36.22 -9.56
N ASN A 86 -4.56 35.29 -8.74
CA ASN A 86 -3.78 34.20 -8.17
C ASN A 86 -4.11 32.86 -8.77
N ILE A 87 -4.52 32.85 -10.06
CA ILE A 87 -4.76 31.64 -10.82
CA ILE A 87 -4.82 31.66 -10.84
C ILE A 87 -4.04 31.83 -12.16
N VAL A 88 -3.19 30.85 -12.51
CA VAL A 88 -2.43 30.96 -13.76
C VAL A 88 -3.37 31.27 -14.94
N LYS A 89 -2.95 32.17 -15.83
CA LYS A 89 -3.78 32.61 -16.94
C LYS A 89 -3.87 31.60 -18.06
N TYR A 90 -5.10 31.25 -18.45
CA TYR A 90 -5.40 30.49 -19.65
C TYR A 90 -5.10 31.39 -20.85
N LYS A 91 -4.46 30.83 -21.88
CA LYS A 91 -4.24 31.59 -23.13
C LYS A 91 -5.02 30.95 -24.29
N GLY A 92 -5.12 29.64 -24.30
CA GLY A 92 -5.82 28.98 -25.40
C GLY A 92 -5.53 27.51 -25.54
N ILE A 93 -5.75 26.97 -26.76
CA ILE A 93 -5.52 25.57 -27.05
C ILE A 93 -4.79 25.40 -28.35
N CYS A 94 -4.17 24.26 -28.48
CA CYS A 94 -3.59 23.83 -29.77
C CYS A 94 -4.21 22.45 -30.02
N THR A 95 -4.91 22.29 -31.17
CA THR A 95 -5.58 21.02 -31.47
C THR A 95 -4.99 20.28 -32.67
N GLY A 101 -4.37 15.38 -30.77
CA GLY A 101 -5.18 15.49 -29.57
C GLY A 101 -5.45 16.93 -29.21
N ILE A 102 -5.05 17.34 -27.99
CA ILE A 102 -5.23 18.73 -27.55
C ILE A 102 -4.13 19.11 -26.57
N LYS A 103 -3.75 20.37 -26.60
CA LYS A 103 -2.80 20.93 -25.67
C LYS A 103 -3.38 22.18 -25.06
N LEU A 104 -3.08 22.39 -23.78
CA LEU A 104 -3.52 23.57 -23.03
C LEU A 104 -2.40 24.62 -23.03
N ILE A 105 -2.71 25.85 -23.46
CA ILE A 105 -1.76 26.94 -23.57
C ILE A 105 -2.02 27.93 -22.45
N MET A 106 -0.99 28.25 -21.70
CA MET A 106 -1.07 29.16 -20.56
C MET A 106 0.04 30.20 -20.60
N GLU A 107 -0.05 31.21 -19.76
CA GLU A 107 1.10 32.12 -19.62
C GLU A 107 2.27 31.33 -19.03
N PHE A 108 3.50 31.80 -19.26
CA PHE A 108 4.69 31.16 -18.75
C PHE A 108 5.22 31.93 -17.54
N LEU A 109 5.47 31.18 -16.46
CA LEU A 109 6.04 31.77 -15.25
C LEU A 109 7.44 31.15 -15.04
N PRO A 110 8.50 31.88 -15.49
CA PRO A 110 9.87 31.30 -15.48
C PRO A 110 10.40 30.90 -14.13
N SER A 111 9.83 31.45 -13.04
CA SER A 111 10.30 31.04 -11.71
C SER A 111 9.84 29.67 -11.27
N GLY A 112 8.88 29.09 -11.99
CA GLY A 112 8.45 27.73 -11.68
C GLY A 112 7.63 27.62 -10.42
N SER A 113 7.61 26.44 -9.79
CA SER A 113 6.78 26.29 -8.60
C SER A 113 7.53 26.66 -7.34
N LEU A 114 6.81 26.76 -6.21
CA LEU A 114 7.44 27.02 -4.92
C LEU A 114 8.45 25.94 -4.60
N LYS A 115 8.21 24.71 -5.06
CA LYS A 115 9.10 23.60 -4.77
C LYS A 115 10.51 23.84 -5.33
N GLU A 116 10.61 24.50 -6.49
CA GLU A 116 11.92 24.84 -7.09
C GLU A 116 12.39 26.20 -6.61
N TYR A 117 11.48 27.17 -6.44
CA TYR A 117 11.82 28.55 -6.14
C TYR A 117 12.28 28.77 -4.70
N LEU A 118 11.52 28.25 -3.73
CA LEU A 118 11.83 28.55 -2.33
C LEU A 118 13.22 28.09 -1.90
N PRO A 119 13.72 26.88 -2.22
CA PRO A 119 15.08 26.49 -1.73
C PRO A 119 16.17 27.44 -2.20
N LYS A 120 15.95 28.10 -3.35
CA LYS A 120 16.95 29.00 -3.94
C LYS A 120 16.77 30.46 -3.56
N ASN A 121 15.68 30.81 -2.85
CA ASN A 121 15.41 32.20 -2.57
C ASN A 121 15.09 32.46 -1.09
N LYS A 122 15.62 31.63 -0.17
CA LYS A 122 15.32 31.86 1.24
C LYS A 122 15.67 33.24 1.73
N ASN A 123 16.80 33.80 1.26
CA ASN A 123 17.20 35.14 1.75
C ASN A 123 16.20 36.25 1.40
N LYS A 124 15.55 36.13 0.23
CA LYS A 124 14.57 37.06 -0.32
C LYS A 124 13.17 36.87 0.28
N ILE A 125 12.80 35.64 0.63
CA ILE A 125 11.46 35.29 1.11
C ILE A 125 11.45 35.11 2.61
N ASN A 126 11.22 36.20 3.34
CA ASN A 126 11.16 36.15 4.79
C ASN A 126 9.74 35.77 5.26
N LEU A 127 9.49 35.76 6.57
CA LEU A 127 8.18 35.37 7.09
C LEU A 127 7.07 36.29 6.53
N LYS A 128 7.33 37.60 6.47
CA LYS A 128 6.30 38.50 5.96
C LYS A 128 5.90 38.12 4.53
N GLN A 129 6.89 37.82 3.66
CA GLN A 129 6.58 37.42 2.30
C GLN A 129 5.88 36.04 2.29
N GLN A 130 6.33 35.13 3.16
CA GLN A 130 5.66 33.82 3.20
C GLN A 130 4.18 33.99 3.55
N LEU A 131 3.86 34.86 4.51
CA LEU A 131 2.46 35.04 4.89
C LEU A 131 1.67 35.71 3.76
N LYS A 132 2.28 36.62 2.99
CA LYS A 132 1.60 37.20 1.85
C LYS A 132 1.35 36.17 0.77
N TYR A 133 2.33 35.25 0.53
CA TYR A 133 2.08 34.16 -0.41
C TYR A 133 0.91 33.30 0.14
N ALA A 134 0.86 33.05 1.47
CA ALA A 134 -0.22 32.23 2.02
C ALA A 134 -1.57 32.90 1.76
N VAL A 135 -1.65 34.23 1.91
CA VAL A 135 -2.88 34.96 1.62
C VAL A 135 -3.27 34.77 0.16
N GLN A 136 -2.30 34.92 -0.76
CA GLN A 136 -2.60 34.79 -2.20
C GLN A 136 -3.08 33.39 -2.55
N ILE A 137 -2.46 32.36 -1.99
CA ILE A 137 -2.92 30.99 -2.23
C ILE A 137 -4.37 30.89 -1.74
N CYS A 138 -4.64 31.39 -0.53
CA CYS A 138 -6.01 31.35 -0.02
C CYS A 138 -6.98 32.10 -0.89
N LYS A 139 -6.60 33.25 -1.44
CA LYS A 139 -7.53 34.00 -2.30
C LYS A 139 -7.83 33.24 -3.60
N GLY A 140 -6.79 32.67 -4.21
CA GLY A 140 -7.06 31.91 -5.43
C GLY A 140 -7.91 30.69 -5.15
N MET A 141 -7.65 30.03 -4.01
CA MET A 141 -8.44 28.85 -3.66
C MET A 141 -9.88 29.24 -3.28
N ASP A 142 -10.03 30.37 -2.60
CA ASP A 142 -11.38 30.79 -2.24
C ASP A 142 -12.19 31.10 -3.51
N TYR A 143 -11.53 31.74 -4.50
CA TYR A 143 -12.19 31.99 -5.77
C TYR A 143 -12.62 30.63 -6.38
N LEU A 144 -11.70 29.66 -6.45
CA LEU A 144 -12.03 28.36 -7.02
C LEU A 144 -13.27 27.75 -6.33
N GLY A 145 -13.30 27.76 -4.98
CA GLY A 145 -14.45 27.20 -4.25
C GLY A 145 -15.72 27.97 -4.54
N SER A 146 -15.62 29.30 -4.74
CA SER A 146 -16.81 30.12 -5.06
C SER A 146 -17.41 29.69 -6.39
N ARG A 147 -16.59 29.11 -7.25
CA ARG A 147 -17.00 28.58 -8.55
C ARG A 147 -17.45 27.13 -8.44
N GLN A 148 -17.58 26.58 -7.20
CA GLN A 148 -18.05 25.23 -6.92
C GLN A 148 -17.10 24.15 -7.41
N TYR A 149 -15.80 24.43 -7.31
CA TYR A 149 -14.79 23.43 -7.65
C TYR A 149 -13.96 23.08 -6.43
N VAL A 150 -13.55 21.81 -6.37
CA VAL A 150 -12.63 21.28 -5.37
C VAL A 150 -11.37 20.85 -6.15
N HIS A 151 -10.24 21.36 -5.70
CA HIS A 151 -8.97 21.16 -6.43
C HIS A 151 -8.36 19.77 -6.29
N ARG A 152 -8.35 19.25 -5.05
CA ARG A 152 -7.90 17.90 -4.67
C ARG A 152 -6.41 17.72 -4.73
N ASP A 153 -5.62 18.72 -5.18
CA ASP A 153 -4.19 18.48 -5.38
C ASP A 153 -3.38 19.72 -4.97
N LEU A 154 -3.82 20.43 -3.94
CA LEU A 154 -3.11 21.62 -3.52
C LEU A 154 -1.85 21.24 -2.74
N ALA A 155 -0.71 21.60 -3.30
CA ALA A 155 0.61 21.34 -2.74
C ALA A 155 1.51 22.40 -3.30
N ALA A 156 2.69 22.59 -2.66
CA ALA A 156 3.60 23.61 -3.14
C ALA A 156 4.04 23.43 -4.58
N ARG A 157 4.13 22.19 -5.05
CA ARG A 157 4.51 21.93 -6.47
C ARG A 157 3.46 22.52 -7.47
N ASN A 158 2.23 22.77 -7.00
CA ASN A 158 1.18 23.33 -7.86
C ASN A 158 0.96 24.80 -7.66
N VAL A 159 1.86 25.45 -6.90
CA VAL A 159 1.78 26.89 -6.69
C VAL A 159 2.95 27.47 -7.48
N LEU A 160 2.64 28.28 -8.49
CA LEU A 160 3.67 28.88 -9.33
C LEU A 160 4.06 30.25 -8.83
N VAL A 161 5.33 30.63 -9.05
CA VAL A 161 5.83 31.92 -8.63
C VAL A 161 5.82 32.87 -9.82
N GLU A 162 5.04 33.94 -9.76
CA GLU A 162 5.03 34.98 -10.79
C GLU A 162 6.24 35.91 -10.54
N SER A 163 6.52 36.20 -9.26
CA SER A 163 7.60 37.08 -8.84
C SER A 163 7.84 36.86 -7.34
N GLU A 164 8.84 37.56 -6.75
CA GLU A 164 9.05 37.49 -5.33
C GLU A 164 7.81 38.05 -4.57
N HIS A 165 6.87 38.74 -5.30
CA HIS A 165 5.70 39.29 -4.59
C HIS A 165 4.38 38.64 -4.97
N GLN A 166 4.38 37.63 -5.84
CA GLN A 166 3.11 37.03 -6.26
C GLN A 166 3.21 35.58 -6.61
N VAL A 167 2.24 34.79 -6.16
CA VAL A 167 2.08 33.40 -6.50
C VAL A 167 0.70 33.16 -7.12
N LYS A 168 0.59 32.04 -7.84
CA LYS A 168 -0.67 31.67 -8.48
C LYS A 168 -0.89 30.17 -8.38
N ILE A 169 -2.14 29.75 -8.25
CA ILE A 169 -2.44 28.32 -8.34
C ILE A 169 -2.21 27.97 -9.81
N GLY A 170 -1.39 26.93 -10.04
CA GLY A 170 -0.85 26.69 -11.38
C GLY A 170 -1.20 25.43 -12.12
N ASP A 171 -2.15 24.64 -11.59
CA ASP A 171 -2.55 23.40 -12.24
C ASP A 171 -3.90 23.00 -11.74
N PHE A 172 -4.74 22.36 -12.57
CA PHE A 172 -6.09 21.95 -12.19
C PHE A 172 -6.38 20.51 -12.66
N GLY A 173 -5.34 19.70 -12.77
CA GLY A 173 -5.43 18.34 -13.29
C GLY A 173 -6.35 17.40 -12.53
N LEU A 174 -6.63 17.66 -11.23
CA LEU A 174 -7.51 16.77 -10.46
C LEU A 174 -8.81 17.47 -10.08
N THR A 175 -9.01 18.71 -10.52
CA THR A 175 -10.14 19.55 -10.12
C THR A 175 -11.49 18.95 -10.53
N LYS A 176 -12.47 18.96 -9.57
CA LYS A 176 -13.82 18.41 -9.79
C LYS A 176 -14.84 19.48 -9.43
N ALA A 177 -16.00 19.43 -10.08
CA ALA A 177 -17.14 20.29 -9.77
C ALA A 177 -17.97 19.63 -8.70
N ILE A 178 -18.28 20.35 -7.62
CA ILE A 178 -19.20 19.82 -6.61
C ILE A 178 -20.59 20.19 -7.09
N GLU A 179 -21.49 19.21 -7.11
CA GLU A 179 -22.89 19.44 -7.50
C GLU A 179 -23.56 20.45 -6.58
N THR A 180 -24.41 21.33 -7.16
CA THR A 180 -25.16 22.35 -6.42
C THR A 180 -25.93 21.68 -5.27
N ASP A 181 -25.87 22.28 -4.09
CA ASP A 181 -26.53 21.79 -2.87
C ASP A 181 -25.92 20.47 -2.33
N LYS A 182 -24.77 20.01 -2.90
CA LYS A 182 -24.02 18.87 -2.38
C LYS A 182 -22.77 19.45 -1.74
N GLU A 183 -22.20 18.72 -0.78
CA GLU A 183 -21.04 19.25 -0.05
C GLU A 183 -19.70 18.66 -0.52
N THR A 186 -17.26 12.53 -4.92
CA THR A 186 -16.60 11.25 -4.62
C THR A 186 -15.74 10.81 -5.80
N VAL A 187 -14.46 10.51 -5.56
CA VAL A 187 -13.50 10.06 -6.59
C VAL A 187 -12.92 8.67 -6.22
N LYS A 188 -13.36 7.62 -6.90
CA LYS A 188 -12.79 6.27 -6.65
C LYS A 188 -12.13 5.78 -7.95
N ASP A 189 -10.80 5.65 -7.95
CA ASP A 189 -10.03 5.25 -9.14
C ASP A 189 -8.72 4.52 -8.75
N ASP A 190 -7.91 4.07 -9.74
CA ASP A 190 -6.66 3.35 -9.47
C ASP A 190 -5.41 4.24 -9.49
N ARG A 191 -5.59 5.55 -9.76
CA ARG A 191 -4.51 6.53 -9.84
C ARG A 191 -3.84 6.81 -8.49
N ASP A 192 -2.54 7.16 -8.54
CA ASP A 192 -1.71 7.52 -7.39
C ASP A 192 -2.15 8.90 -6.91
N SER A 193 -2.50 8.98 -5.63
CA SER A 193 -3.01 10.16 -4.94
C SER A 193 -1.93 10.77 -4.04
N PRO A 194 -1.96 12.11 -3.80
CA PRO A 194 -0.97 12.71 -2.88
C PRO A 194 -1.45 12.55 -1.44
N VAL A 195 -1.39 11.31 -0.96
CA VAL A 195 -1.98 10.94 0.34
C VAL A 195 -1.48 11.75 1.52
N PHE A 196 -0.22 12.25 1.49
CA PHE A 196 0.28 13.01 2.61
C PHE A 196 -0.28 14.46 2.67
N TRP A 197 -1.08 14.84 1.70
CA TRP A 197 -1.73 16.17 1.67
C TRP A 197 -3.24 15.98 1.84
N TYR A 198 -3.72 14.71 1.93
CA TYR A 198 -5.16 14.39 1.94
C TYR A 198 -5.80 14.38 3.33
N ALA A 199 -6.97 15.01 3.44
CA ALA A 199 -7.72 15.01 4.66
C ALA A 199 -8.25 13.56 4.97
N PRO A 200 -8.65 13.27 6.21
CA PRO A 200 -9.14 11.94 6.57
C PRO A 200 -10.31 11.47 5.70
N GLU A 201 -11.27 12.35 5.39
CA GLU A 201 -12.41 11.95 4.55
C GLU A 201 -11.99 11.55 3.14
N CYS A 202 -10.89 12.13 2.63
CA CYS A 202 -10.38 11.80 1.30
C CYS A 202 -9.76 10.43 1.35
N LEU A 203 -8.99 10.17 2.38
CA LEU A 203 -8.31 8.87 2.56
C LEU A 203 -9.32 7.76 2.83
N MET A 204 -10.29 8.00 3.72
CA MET A 204 -11.19 6.93 4.16
C MET A 204 -12.34 6.70 3.24
N GLN A 205 -12.89 7.77 2.64
CA GLN A 205 -14.09 7.62 1.81
C GLN A 205 -13.97 8.18 0.41
N SER A 206 -12.79 8.70 0.04
CA SER A 206 -12.60 9.33 -1.30
C SER A 206 -13.60 10.46 -1.54
N LYS A 207 -13.95 11.19 -0.46
CA LYS A 207 -14.88 12.32 -0.50
C LYS A 207 -14.04 13.59 -0.45
N PHE A 208 -14.33 14.51 -1.38
CA PHE A 208 -13.59 15.77 -1.48
C PHE A 208 -14.55 16.93 -1.30
N TYR A 209 -14.34 17.69 -0.21
CA TYR A 209 -15.11 18.87 0.14
C TYR A 209 -14.21 20.09 -0.10
N ILE A 210 -14.80 21.28 -0.16
CA ILE A 210 -13.96 22.48 -0.14
C ILE A 210 -13.06 22.46 1.11
N ALA A 211 -13.60 21.98 2.26
CA ALA A 211 -12.81 21.87 3.47
C ALA A 211 -11.62 20.88 3.32
N SER A 212 -11.70 19.93 2.36
CA SER A 212 -10.58 19.02 2.11
C SER A 212 -9.44 19.84 1.47
N ASP A 213 -9.79 20.83 0.63
CA ASP A 213 -8.76 21.73 0.09
C ASP A 213 -8.16 22.58 1.18
N VAL A 214 -8.93 22.96 2.19
CA VAL A 214 -8.37 23.74 3.31
C VAL A 214 -7.32 22.87 4.04
N TRP A 215 -7.62 21.58 4.24
CA TRP A 215 -6.67 20.67 4.88
C TRP A 215 -5.35 20.64 4.07
N SER A 216 -5.48 20.47 2.75
N SER A 216 -5.48 20.48 2.74
CA SER A 216 -4.31 20.46 1.87
CA SER A 216 -4.34 20.47 1.84
C SER A 216 -3.56 21.77 1.92
C SER A 216 -3.58 21.78 1.87
N PHE A 217 -4.30 22.90 2.03
CA PHE A 217 -3.65 24.19 2.16
C PHE A 217 -2.79 24.21 3.43
N GLY A 218 -3.28 23.66 4.55
CA GLY A 218 -2.47 23.65 5.75
C GLY A 218 -1.15 22.93 5.53
N VAL A 219 -1.19 21.82 4.75
CA VAL A 219 0.05 21.09 4.41
C VAL A 219 0.96 21.92 3.50
N THR A 220 0.35 22.62 2.52
CA THR A 220 1.09 23.50 1.61
C THR A 220 1.73 24.65 2.39
N LEU A 221 1.03 25.14 3.41
CA LEU A 221 1.56 26.22 4.24
C LEU A 221 2.79 25.71 5.01
N HIS A 222 2.73 24.48 5.47
CA HIS A 222 3.84 23.88 6.17
C HIS A 222 5.05 23.80 5.20
N GLU A 223 4.80 23.36 3.95
CA GLU A 223 5.86 23.31 2.94
C GLU A 223 6.45 24.72 2.73
N LEU A 224 5.57 25.73 2.55
CA LEU A 224 6.05 27.09 2.33
C LEU A 224 6.93 27.59 3.49
N LEU A 225 6.54 27.27 4.74
CA LEU A 225 7.28 27.69 5.91
C LEU A 225 8.59 26.95 6.10
N THR A 226 8.75 25.76 5.49
CA THR A 226 10.00 25.01 5.52
C THR A 226 10.77 25.22 4.21
N TYR A 227 10.35 26.19 3.34
CA TYR A 227 11.03 26.46 2.07
C TYR A 227 11.15 25.23 1.22
N CYS A 228 10.12 24.36 1.28
CA CYS A 228 10.08 23.12 0.51
C CYS A 228 11.32 22.26 0.69
N ASP A 229 11.88 22.28 1.92
CA ASP A 229 13.02 21.42 2.23
C ASP A 229 12.58 19.94 2.12
N SER A 230 13.30 19.15 1.34
CA SER A 230 12.91 17.71 1.14
C SER A 230 13.00 16.85 2.42
N ASP A 231 13.97 17.14 3.30
CA ASP A 231 14.11 16.37 4.53
C ASP A 231 12.97 16.62 5.48
N SER A 232 12.26 17.75 5.34
CA SER A 232 11.14 17.99 6.24
C SER A 232 9.85 18.16 5.42
N SER A 233 9.78 17.42 4.32
CA SER A 233 8.59 17.40 3.48
C SER A 233 7.46 16.71 4.25
N PRO A 234 6.19 16.96 3.89
CA PRO A 234 5.08 16.25 4.56
C PRO A 234 5.24 14.74 4.50
N MET A 235 5.68 14.19 3.36
CA MET A 235 5.89 12.75 3.27
C MET A 235 6.98 12.29 4.28
N ALA A 236 8.13 12.99 4.34
CA ALA A 236 9.20 12.58 5.28
C ALA A 236 8.75 12.66 6.71
N LEU A 237 8.04 13.75 7.09
CA LEU A 237 7.60 13.93 8.46
C LEU A 237 6.53 12.91 8.88
N PHE A 238 5.57 12.62 7.99
CA PHE A 238 4.57 11.61 8.31
C PHE A 238 5.21 10.21 8.37
N LEU A 239 6.15 9.90 7.47
CA LEU A 239 6.81 8.57 7.50
C LEU A 239 7.60 8.36 8.80
N LYS A 240 8.14 9.45 9.38
CA LYS A 240 8.87 9.36 10.64
C LYS A 240 7.90 9.09 11.80
N MET A 241 6.72 9.70 11.73
CA MET A 241 5.65 9.55 12.69
C MET A 241 5.04 8.15 12.66
N ILE A 242 4.81 7.61 11.44
CA ILE A 242 4.09 6.34 11.26
C ILE A 242 5.01 5.10 11.29
N GLY A 243 6.29 5.29 10.98
CA GLY A 243 7.29 4.23 10.93
C GLY A 243 7.47 3.70 9.53
N HIS A 246 4.74 -0.61 4.46
CA HIS A 246 4.69 -0.93 3.03
C HIS A 246 3.78 0.06 2.32
N GLY A 247 4.06 0.29 1.03
CA GLY A 247 3.24 1.16 0.18
C GLY A 247 1.75 0.88 0.31
N GLN A 248 1.40 -0.39 0.66
CA GLN A 248 0.03 -0.85 0.85
C GLN A 248 -0.49 -0.68 2.31
N MET A 249 0.37 -0.60 3.32
CA MET A 249 -0.12 -0.38 4.70
C MET A 249 0.06 1.08 5.19
N THR A 250 0.75 1.90 4.38
CA THR A 250 1.09 3.29 4.66
C THR A 250 -0.15 4.11 5.03
N VAL A 251 -1.17 4.12 4.13
CA VAL A 251 -2.39 4.91 4.28
C VAL A 251 -3.17 4.56 5.56
N THR A 252 -3.31 3.25 5.90
CA THR A 252 -4.02 2.89 7.13
C THR A 252 -3.29 3.45 8.35
N ARG A 253 -1.95 3.40 8.40
CA ARG A 253 -1.19 3.94 9.53
C ARG A 253 -1.29 5.49 9.55
N LEU A 254 -1.38 6.11 8.36
CA LEU A 254 -1.57 7.56 8.26
C LEU A 254 -2.96 7.93 8.83
N VAL A 255 -4.03 7.19 8.43
CA VAL A 255 -5.37 7.47 8.98
C VAL A 255 -5.38 7.29 10.51
N ASN A 256 -4.74 6.22 10.98
CA ASN A 256 -4.72 5.99 12.43
C ASN A 256 -4.02 7.10 13.18
N THR A 257 -2.90 7.58 12.62
CA THR A 257 -2.12 8.70 13.22
C THR A 257 -3.02 9.96 13.31
N LEU A 258 -3.77 10.25 12.25
CA LEU A 258 -4.65 11.42 12.22
C LEU A 258 -5.81 11.26 13.20
N LYS A 259 -6.40 10.06 13.27
CA LYS A 259 -7.47 9.76 14.21
C LYS A 259 -6.98 9.93 15.65
N GLU A 260 -5.70 9.62 15.92
CA GLU A 260 -5.12 9.78 17.27
C GLU A 260 -4.91 11.26 17.62
N GLY A 261 -5.10 12.18 16.65
CA GLY A 261 -4.96 13.62 16.87
C GLY A 261 -3.57 14.13 16.56
N LYS A 262 -2.70 13.27 16.03
CA LYS A 262 -1.34 13.67 15.67
C LYS A 262 -1.34 14.49 14.38
N ARG A 263 -0.46 15.49 14.32
CA ARG A 263 -0.36 16.38 13.16
C ARG A 263 1.08 16.72 12.86
N LEU A 264 1.34 17.25 11.65
CA LEU A 264 2.68 17.71 11.31
C LEU A 264 3.13 18.74 12.38
N PRO A 265 4.41 18.71 12.77
CA PRO A 265 4.88 19.62 13.83
C PRO A 265 5.08 21.04 13.31
N CYS A 266 5.22 21.98 14.22
CA CYS A 266 5.48 23.37 13.90
C CYS A 266 6.76 23.50 13.10
N PRO A 267 6.76 24.16 11.92
CA PRO A 267 8.02 24.32 11.20
C PRO A 267 9.07 25.10 12.00
N PRO A 268 10.37 24.88 11.73
CA PRO A 268 11.40 25.67 12.41
C PRO A 268 11.16 27.17 12.21
N ASN A 269 11.29 27.94 13.31
CA ASN A 269 11.17 29.39 13.37
C ASN A 269 9.79 29.93 13.04
N CYS A 270 8.77 29.06 12.97
CA CYS A 270 7.42 29.51 12.69
C CYS A 270 6.78 29.97 14.00
N PRO A 271 6.26 31.23 14.06
CA PRO A 271 5.61 31.69 15.29
C PRO A 271 4.40 30.82 15.64
N ASP A 272 4.09 30.69 16.94
CA ASP A 272 2.95 29.87 17.33
C ASP A 272 1.63 30.37 16.74
N GLU A 273 1.49 31.69 16.56
CA GLU A 273 0.24 32.24 16.03
C GLU A 273 0.02 31.73 14.60
N VAL A 274 1.12 31.56 13.83
CA VAL A 274 0.98 31.02 12.46
C VAL A 274 0.64 29.54 12.53
N TYR A 275 1.31 28.82 13.44
CA TYR A 275 1.04 27.40 13.56
C TYR A 275 -0.39 27.13 13.99
N GLN A 276 -0.95 27.96 14.86
CA GLN A 276 -2.33 27.75 15.27
C GLN A 276 -3.31 27.90 14.11
N LEU A 277 -3.05 28.85 13.20
CA LEU A 277 -3.88 28.96 12.00
C LEU A 277 -3.74 27.70 11.13
N MET A 278 -2.50 27.19 11.00
CA MET A 278 -2.27 25.97 10.27
C MET A 278 -3.06 24.81 10.90
N ARG A 279 -3.09 24.73 12.25
CA ARG A 279 -3.81 23.65 12.92
C ARG A 279 -5.30 23.72 12.71
N LYS A 280 -5.84 24.92 12.45
CA LYS A 280 -7.29 25.05 12.24
C LYS A 280 -7.69 24.46 10.88
N CYS A 281 -6.68 24.24 10.00
CA CYS A 281 -6.91 23.59 8.69
C CYS A 281 -7.11 22.10 8.88
N TRP A 282 -6.70 21.60 10.05
CA TRP A 282 -6.61 20.17 10.25
C TRP A 282 -7.52 19.64 11.34
N GLU A 283 -8.66 20.28 11.55
CA GLU A 283 -9.71 19.72 12.41
C GLU A 283 -10.10 18.41 11.74
N PHE A 284 -10.34 17.36 12.54
CA PHE A 284 -10.64 16.08 11.94
C PHE A 284 -11.85 16.12 11.01
N GLN A 285 -12.96 16.71 11.49
CA GLN A 285 -14.16 16.77 10.69
C GLN A 285 -14.08 17.94 9.72
N PRO A 286 -14.44 17.74 8.44
CA PRO A 286 -14.40 18.88 7.49
C PRO A 286 -15.20 20.08 7.92
N SER A 287 -16.41 19.84 8.52
CA SER A 287 -17.29 20.92 8.93
C SER A 287 -16.76 21.79 10.06
N ASN A 288 -15.65 21.40 10.72
CA ASN A 288 -15.09 22.24 11.79
C ASN A 288 -13.90 23.09 11.35
N ARG A 289 -13.37 22.86 10.13
CA ARG A 289 -12.14 23.53 9.73
C ARG A 289 -12.37 25.00 9.43
N THR A 290 -11.34 25.77 9.59
CA THR A 290 -11.38 27.15 9.15
C THR A 290 -11.77 27.25 7.67
N SER A 291 -12.38 28.38 7.30
CA SER A 291 -12.60 28.69 5.89
C SER A 291 -11.31 29.38 5.37
N PHE A 292 -11.21 29.48 4.04
CA PHE A 292 -10.13 30.25 3.45
C PHE A 292 -10.24 31.75 3.82
N GLN A 293 -11.47 32.29 3.92
CA GLN A 293 -11.56 33.69 4.28
C GLN A 293 -11.11 33.96 5.72
N ASN A 294 -11.41 33.02 6.63
CA ASN A 294 -10.94 33.17 7.99
C ASN A 294 -9.41 33.12 8.07
N LEU A 295 -8.77 32.28 7.22
CA LEU A 295 -7.29 32.23 7.17
C LEU A 295 -6.77 33.57 6.66
N ILE A 296 -7.39 34.10 5.56
CA ILE A 296 -6.94 35.37 5.01
C ILE A 296 -6.99 36.45 6.09
N GLU A 297 -8.09 36.52 6.81
CA GLU A 297 -8.19 37.51 7.91
C GLU A 297 -7.18 37.29 9.01
N GLY A 298 -6.90 36.03 9.36
CA GLY A 298 -5.89 35.73 10.36
C GLY A 298 -4.49 36.13 9.94
N PHE A 299 -4.15 35.86 8.68
CA PHE A 299 -2.80 36.23 8.22
C PHE A 299 -2.68 37.74 8.09
N GLU A 300 -3.73 38.43 7.62
CA GLU A 300 -3.72 39.89 7.45
C GLU A 300 -3.57 40.54 8.82
N ALA A 301 -4.20 39.97 9.87
CA ALA A 301 -4.00 40.51 11.23
C ALA A 301 -2.53 40.37 11.69
N LEU A 302 -1.87 39.27 11.35
CA LEU A 302 -0.48 39.07 11.73
C LEU A 302 0.46 39.95 10.92
N LEU A 303 0.02 40.35 9.71
CA LEU A 303 0.84 41.17 8.84
C LEU A 303 0.77 42.65 9.16
N LYS A 304 -0.26 43.09 9.91
CA LYS A 304 -0.46 44.51 10.24
C LYS A 304 0.66 45.14 11.07
N GLY B 1 61.00 -28.50 20.17
CA GLY B 1 62.10 -28.96 19.31
C GLY B 1 62.59 -30.36 19.59
N SER B 2 61.95 -31.08 20.55
CA SER B 2 62.35 -32.43 20.95
C SER B 2 61.17 -33.42 21.04
N GLY B 3 61.48 -34.72 20.95
CA GLY B 3 60.51 -35.81 21.00
C GLY B 3 59.55 -35.82 19.82
N ASP B 4 58.49 -36.64 19.92
CA ASP B 4 57.50 -36.74 18.87
C ASP B 4 56.67 -35.48 18.85
N ILE B 5 56.09 -35.17 17.70
CA ILE B 5 55.17 -34.05 17.56
C ILE B 5 53.97 -34.35 18.45
N VAL B 6 53.48 -33.34 19.20
CA VAL B 6 52.27 -33.54 19.99
C VAL B 6 51.04 -33.16 19.17
N SER B 7 49.95 -33.91 19.36
CA SER B 7 48.71 -33.67 18.62
C SER B 7 47.56 -34.03 19.52
N GLU B 8 46.36 -33.51 19.20
CA GLU B 8 45.15 -33.81 19.98
C GLU B 8 44.67 -35.23 19.65
N LYS B 9 44.29 -35.99 20.67
CA LYS B 9 43.70 -37.31 20.53
C LYS B 9 42.21 -37.01 20.68
N LYS B 10 41.53 -36.83 19.54
CA LYS B 10 40.12 -36.43 19.48
C LYS B 10 39.15 -37.56 19.80
N PRO B 11 38.05 -37.28 20.55
CA PRO B 11 37.06 -38.33 20.82
C PRO B 11 36.32 -38.73 19.53
N ALA B 12 35.77 -39.97 19.49
CA ALA B 12 35.06 -40.51 18.32
C ALA B 12 33.86 -39.64 17.94
N THR B 13 33.78 -39.26 16.64
CA THR B 13 32.72 -38.40 16.09
C THR B 13 31.39 -39.15 15.91
N GLU B 14 30.32 -38.65 16.55
CA GLU B 14 28.97 -39.22 16.49
C GLU B 14 28.13 -38.39 15.51
N VAL B 15 27.65 -39.02 14.43
CA VAL B 15 26.86 -38.36 13.38
C VAL B 15 25.51 -37.82 13.91
N ASP B 16 25.25 -36.53 13.63
CA ASP B 16 23.97 -35.89 14.01
C ASP B 16 23.07 -36.09 12.80
N PRO B 17 21.96 -36.86 12.91
CA PRO B 17 21.08 -37.10 11.73
C PRO B 17 20.41 -35.84 11.21
N THR B 18 20.45 -34.76 12.00
CA THR B 18 19.81 -33.51 11.59
C THR B 18 20.81 -32.53 10.99
N HIS B 19 22.08 -32.94 10.87
CA HIS B 19 23.07 -32.08 10.27
C HIS B 19 23.30 -32.56 8.84
N PHE B 20 22.97 -31.71 7.87
CA PHE B 20 23.12 -32.07 6.47
C PHE B 20 24.35 -31.37 5.90
N GLU B 21 25.34 -32.17 5.44
CA GLU B 21 26.61 -31.65 4.90
C GLU B 21 26.34 -31.06 3.51
N LYS B 22 26.82 -29.83 3.31
CA LYS B 22 26.66 -29.14 2.04
C LYS B 22 27.16 -30.00 0.86
N ARG B 23 28.29 -30.71 1.02
CA ARG B 23 28.86 -31.48 -0.10
C ARG B 23 27.96 -32.62 -0.59
N PHE B 24 26.99 -33.07 0.24
CA PHE B 24 26.08 -34.13 -0.23
C PHE B 24 24.71 -33.64 -0.56
N LEU B 25 24.44 -32.35 -0.35
CA LEU B 25 23.10 -31.81 -0.60
C LEU B 25 23.05 -31.30 -2.01
N LYS B 26 22.54 -32.12 -2.90
CA LYS B 26 22.60 -31.87 -4.34
C LYS B 26 21.31 -31.40 -4.94
N ARG B 27 21.36 -30.24 -5.55
CA ARG B 27 20.16 -29.63 -6.13
C ARG B 27 19.62 -30.42 -7.31
N ILE B 28 18.28 -30.51 -7.37
CA ILE B 28 17.54 -31.06 -8.49
C ILE B 28 16.88 -29.89 -9.25
N ARG B 29 16.01 -29.11 -8.56
CA ARG B 29 15.26 -28.03 -9.18
C ARG B 29 14.64 -27.15 -8.11
N ASP B 30 14.12 -26.00 -8.53
CA ASP B 30 13.42 -25.10 -7.63
C ASP B 30 11.99 -25.55 -7.50
N LEU B 31 11.43 -25.45 -6.29
CA LEU B 31 10.01 -25.76 -6.07
C LEU B 31 9.18 -24.47 -6.10
N GLY B 32 9.71 -23.40 -5.52
CA GLY B 32 9.02 -22.11 -5.47
C GLY B 32 9.84 -21.04 -4.79
N GLU B 33 9.44 -19.79 -4.93
CA GLU B 33 10.12 -18.68 -4.29
C GLU B 33 9.16 -17.56 -3.93
N GLY B 34 9.46 -16.89 -2.81
CA GLY B 34 8.71 -15.74 -2.34
C GLY B 34 9.56 -14.51 -2.60
N HIS B 35 9.32 -13.45 -1.84
CA HIS B 35 10.10 -12.21 -1.97
C HIS B 35 11.54 -12.45 -1.52
N PHE B 36 11.72 -13.08 -0.35
CA PHE B 36 13.06 -13.28 0.19
C PHE B 36 13.50 -14.74 0.28
N GLY B 37 12.54 -15.64 0.44
CA GLY B 37 12.81 -17.06 0.58
C GLY B 37 12.62 -17.85 -0.69
N LYS B 38 13.29 -19.01 -0.77
CA LYS B 38 13.15 -19.93 -1.88
C LYS B 38 13.16 -21.37 -1.35
N VAL B 39 12.47 -22.27 -2.05
CA VAL B 39 12.47 -23.68 -1.67
C VAL B 39 12.95 -24.48 -2.87
N GLU B 40 13.90 -25.38 -2.63
CA GLU B 40 14.47 -26.25 -3.64
C GLU B 40 14.26 -27.70 -3.31
N LEU B 41 14.14 -28.51 -4.36
CA LEU B 41 14.15 -29.95 -4.25
C LEU B 41 15.62 -30.38 -4.40
N CYS B 42 16.15 -31.05 -3.39
CA CYS B 42 17.50 -31.60 -3.40
C CYS B 42 17.45 -33.07 -3.11
N ARG B 43 18.55 -33.76 -3.41
CA ARG B 43 18.69 -35.12 -2.93
C ARG B 43 19.92 -35.10 -2.02
N TYR B 44 19.77 -35.57 -0.79
CA TYR B 44 20.89 -35.65 0.13
C TYR B 44 21.51 -36.99 -0.19
N ASP B 45 22.63 -36.98 -0.91
CA ASP B 45 23.18 -38.18 -1.52
C ASP B 45 24.61 -38.52 -1.12
N PRO B 46 24.83 -38.87 0.15
CA PRO B 46 26.20 -39.19 0.61
C PRO B 46 26.85 -40.37 -0.08
N GLU B 47 26.04 -41.27 -0.61
CA GLU B 47 26.58 -42.44 -1.28
C GLU B 47 26.95 -42.13 -2.75
N GLY B 48 26.55 -40.96 -3.23
CA GLY B 48 26.85 -40.47 -4.58
C GLY B 48 26.33 -41.35 -5.69
N ASP B 49 25.21 -42.05 -5.47
CA ASP B 49 24.65 -42.96 -6.47
C ASP B 49 23.18 -42.70 -6.77
N ASN B 50 22.71 -41.48 -6.45
CA ASN B 50 21.33 -41.06 -6.69
C ASN B 50 20.28 -41.90 -5.92
N THR B 51 20.62 -42.36 -4.71
CA THR B 51 19.65 -43.13 -3.92
C THR B 51 19.30 -42.46 -2.60
N GLY B 52 19.95 -41.34 -2.28
CA GLY B 52 19.68 -40.63 -1.03
C GLY B 52 18.28 -40.07 -0.96
N GLU B 53 17.90 -39.60 0.22
CA GLU B 53 16.56 -39.05 0.43
C GLU B 53 16.36 -37.72 -0.33
N GLN B 54 15.18 -37.57 -0.94
CA GLN B 54 14.76 -36.31 -1.55
C GLN B 54 14.30 -35.43 -0.39
N VAL B 55 14.71 -34.15 -0.42
CA VAL B 55 14.37 -33.21 0.66
C VAL B 55 14.01 -31.85 0.08
N ALA B 56 13.16 -31.09 0.81
CA ALA B 56 12.84 -29.71 0.46
C ALA B 56 13.74 -28.81 1.27
N VAL B 57 14.39 -27.85 0.62
CA VAL B 57 15.40 -27.03 1.27
C VAL B 57 14.98 -25.56 1.15
N LYS B 58 14.77 -24.89 2.30
CA LYS B 58 14.40 -23.48 2.29
C LYS B 58 15.61 -22.64 2.61
N SER B 59 15.83 -21.64 1.79
CA SER B 59 16.95 -20.73 1.98
C SER B 59 16.57 -19.33 1.57
N LEU B 60 17.44 -18.37 1.86
CA LEU B 60 17.22 -16.99 1.47
C LEU B 60 17.95 -16.67 0.17
N LYS B 61 17.33 -15.84 -0.67
CA LYS B 61 17.94 -15.37 -1.91
C LYS B 61 18.98 -14.28 -1.56
N PRO B 62 20.10 -14.15 -2.33
CA PRO B 62 21.10 -13.12 -1.97
C PRO B 62 20.65 -11.70 -2.26
N HIS B 68 16.84 -10.76 7.25
CA HIS B 68 16.04 -11.93 6.93
C HIS B 68 16.68 -13.22 7.44
N ILE B 69 18.02 -13.23 7.60
CA ILE B 69 18.78 -14.39 8.10
C ILE B 69 18.28 -14.80 9.51
N ALA B 70 18.13 -13.78 10.40
CA ALA B 70 17.63 -13.98 11.77
C ALA B 70 16.22 -14.58 11.72
N ASP B 71 15.36 -14.11 10.79
CA ASP B 71 14.00 -14.65 10.63
C ASP B 71 13.99 -16.13 10.27
N LEU B 72 14.84 -16.52 9.30
CA LEU B 72 14.89 -17.93 8.90
C LEU B 72 15.38 -18.79 10.08
N LYS B 73 16.38 -18.31 10.87
CA LYS B 73 16.79 -19.08 12.04
C LYS B 73 15.63 -19.21 13.04
N LYS B 74 14.77 -18.16 13.16
CA LYS B 74 13.63 -18.27 14.07
C LYS B 74 12.63 -19.32 13.57
N GLU B 75 12.40 -19.35 12.24
CA GLU B 75 11.47 -20.31 11.63
C GLU B 75 11.97 -21.73 11.88
N ILE B 76 13.29 -21.92 11.70
CA ILE B 76 13.90 -23.23 11.89
C ILE B 76 13.65 -23.74 13.29
N GLU B 77 13.88 -22.87 14.29
CA GLU B 77 13.68 -23.31 15.66
C GLU B 77 12.20 -23.55 15.99
N ILE B 78 11.26 -22.80 15.36
CA ILE B 78 9.84 -23.08 15.54
C ILE B 78 9.56 -24.51 15.00
N LEU B 79 9.92 -24.74 13.73
CA LEU B 79 9.59 -26.01 13.08
C LEU B 79 10.24 -27.17 13.74
N ARG B 80 11.47 -27.00 14.22
CA ARG B 80 12.18 -28.10 14.87
C ARG B 80 11.43 -28.64 16.08
N ASN B 81 10.65 -27.77 16.77
CA ASN B 81 9.90 -28.13 17.96
C ASN B 81 8.40 -28.39 17.74
N LEU B 82 7.96 -28.44 16.47
CA LEU B 82 6.55 -28.77 16.17
C LEU B 82 6.50 -30.23 15.69
N TYR B 83 5.62 -31.02 16.26
CA TYR B 83 5.45 -32.44 15.89
C TYR B 83 3.97 -32.71 15.77
N HIS B 84 3.48 -32.81 14.54
CA HIS B 84 2.07 -33.08 14.30
C HIS B 84 1.93 -33.68 12.93
N GLU B 85 0.97 -34.60 12.78
CA GLU B 85 0.76 -35.25 11.48
C GLU B 85 0.37 -34.29 10.36
N ASN B 86 -0.23 -33.15 10.71
CA ASN B 86 -0.59 -32.17 9.71
C ASN B 86 0.31 -30.96 9.74
N ILE B 87 1.59 -31.15 10.08
CA ILE B 87 2.60 -30.08 10.00
C ILE B 87 3.81 -30.72 9.30
N VAL B 88 4.33 -30.07 8.24
CA VAL B 88 5.46 -30.58 7.47
C VAL B 88 6.62 -30.94 8.40
N LYS B 89 7.28 -32.07 8.14
CA LYS B 89 8.32 -32.52 9.05
C LYS B 89 9.65 -31.86 8.85
N TYR B 90 10.19 -31.35 9.98
CA TYR B 90 11.55 -30.84 10.04
C TYR B 90 12.48 -32.05 9.90
N LYS B 91 13.55 -31.87 9.11
CA LYS B 91 14.58 -32.91 9.03
C LYS B 91 15.92 -32.42 9.60
N GLY B 92 16.25 -31.15 9.38
CA GLY B 92 17.52 -30.66 9.88
C GLY B 92 17.94 -29.36 9.25
N ILE B 93 19.24 -29.09 9.31
CA ILE B 93 19.81 -27.85 8.79
C ILE B 93 21.08 -28.14 8.04
N CYS B 94 21.42 -27.21 7.17
CA CYS B 94 22.68 -27.18 6.46
C CYS B 94 23.29 -25.81 6.78
N THR B 95 24.44 -25.79 7.51
CA THR B 95 25.08 -24.52 7.90
C THR B 95 26.28 -24.24 7.02
N GLY B 101 24.90 -17.93 7.53
CA GLY B 101 24.08 -18.55 6.49
C GLY B 101 23.60 -19.93 6.88
N ILE B 102 22.32 -20.24 6.60
CA ILE B 102 21.73 -21.52 7.01
C ILE B 102 20.61 -21.91 6.03
N LYS B 103 20.31 -23.20 5.96
CA LYS B 103 19.25 -23.75 5.13
C LYS B 103 18.44 -24.66 6.00
N LEU B 104 17.10 -24.62 5.82
CA LEU B 104 16.17 -25.46 6.57
C LEU B 104 15.84 -26.67 5.70
N ILE B 105 16.08 -27.89 6.24
CA ILE B 105 15.84 -29.14 5.49
C ILE B 105 14.56 -29.77 6.02
N MET B 106 13.66 -30.13 5.08
CA MET B 106 12.36 -30.69 5.43
C MET B 106 12.07 -31.87 4.55
N GLU B 107 11.05 -32.64 4.92
CA GLU B 107 10.60 -33.71 4.06
C GLU B 107 10.07 -33.08 2.75
N PHE B 108 10.07 -33.84 1.66
CA PHE B 108 9.59 -33.34 0.39
C PHE B 108 8.24 -33.95 0.07
N LEU B 109 7.31 -33.08 -0.29
CA LEU B 109 5.93 -33.47 -0.67
C LEU B 109 5.77 -33.15 -2.16
N PRO B 110 5.95 -34.17 -3.05
CA PRO B 110 5.94 -33.91 -4.49
C PRO B 110 4.66 -33.31 -5.07
N SER B 111 3.54 -33.45 -4.37
CA SER B 111 2.28 -32.89 -4.86
C SER B 111 2.19 -31.37 -4.71
N GLY B 112 3.11 -30.78 -3.93
CA GLY B 112 3.14 -29.33 -3.78
C GLY B 112 1.99 -28.81 -2.95
N SER B 113 1.62 -27.55 -3.13
CA SER B 113 0.55 -27.00 -2.32
C SER B 113 -0.82 -27.25 -2.93
N LEU B 114 -1.87 -26.95 -2.17
CA LEU B 114 -3.24 -27.03 -2.67
C LEU B 114 -3.39 -26.16 -3.92
N LYS B 115 -2.66 -25.03 -3.97
CA LYS B 115 -2.73 -24.10 -5.10
C LYS B 115 -2.31 -24.82 -6.40
N GLU B 116 -1.33 -25.76 -6.34
CA GLU B 116 -0.86 -26.53 -7.53
C GLU B 116 -1.72 -27.74 -7.76
N TYR B 117 -2.07 -28.42 -6.68
CA TYR B 117 -2.71 -29.71 -6.69
C TYR B 117 -4.17 -29.69 -7.03
N LEU B 118 -4.94 -28.83 -6.38
CA LEU B 118 -6.40 -28.85 -6.57
C LEU B 118 -6.87 -28.62 -8.02
N PRO B 119 -6.33 -27.64 -8.77
CA PRO B 119 -6.81 -27.45 -10.17
C PRO B 119 -6.61 -28.70 -11.04
N LYS B 120 -5.60 -29.52 -10.72
CA LYS B 120 -5.28 -30.73 -11.47
C LYS B 120 -5.98 -32.00 -10.99
N ASN B 121 -6.66 -31.95 -9.83
CA ASN B 121 -7.24 -33.16 -9.22
C ASN B 121 -8.70 -33.05 -8.81
N LYS B 122 -9.46 -32.17 -9.47
CA LYS B 122 -10.87 -31.99 -9.13
C LYS B 122 -11.64 -33.29 -9.16
N ASN B 123 -11.35 -34.16 -10.15
CA ASN B 123 -12.06 -35.43 -10.28
C ASN B 123 -11.86 -36.40 -9.11
N LYS B 124 -10.72 -36.29 -8.42
CA LYS B 124 -10.31 -37.13 -7.29
C LYS B 124 -10.76 -36.55 -5.94
N ILE B 125 -10.94 -35.22 -5.86
CA ILE B 125 -11.21 -34.52 -4.61
C ILE B 125 -12.63 -34.02 -4.56
N ASN B 126 -13.51 -34.79 -3.93
CA ASN B 126 -14.91 -34.37 -3.83
C ASN B 126 -15.14 -33.61 -2.53
N LEU B 127 -16.39 -33.21 -2.27
CA LEU B 127 -16.68 -32.44 -1.06
C LEU B 127 -16.27 -33.18 0.22
N LYS B 128 -16.52 -34.50 0.29
CA LYS B 128 -16.14 -35.24 1.47
C LYS B 128 -14.61 -35.15 1.72
N GLN B 129 -13.79 -35.23 0.64
CA GLN B 129 -12.35 -35.08 0.81
C GLN B 129 -11.97 -33.64 1.17
N GLN B 130 -12.66 -32.65 0.60
CA GLN B 130 -12.40 -31.24 0.93
C GLN B 130 -12.69 -31.02 2.40
N LEU B 131 -13.78 -31.59 2.94
CA LEU B 131 -14.05 -31.39 4.37
C LEU B 131 -13.03 -32.09 5.25
N LYS B 132 -12.50 -33.24 4.79
CA LYS B 132 -11.45 -33.92 5.56
C LYS B 132 -10.17 -33.09 5.56
N TYR B 133 -9.81 -32.51 4.40
CA TYR B 133 -8.63 -31.62 4.38
C TYR B 133 -8.88 -30.45 5.34
N ALA B 134 -10.11 -29.91 5.35
CA ALA B 134 -10.43 -28.79 6.23
C ALA B 134 -10.21 -29.16 7.71
N VAL B 135 -10.65 -30.34 8.11
CA VAL B 135 -10.44 -30.84 9.45
C VAL B 135 -8.94 -30.94 9.76
N GLN B 136 -8.16 -31.49 8.81
CA GLN B 136 -6.72 -31.62 9.01
C GLN B 136 -5.99 -30.28 9.19
N ILE B 137 -6.41 -29.28 8.41
CA ILE B 137 -5.82 -27.95 8.54
C ILE B 137 -6.17 -27.42 9.90
N CYS B 138 -7.44 -27.56 10.33
CA CYS B 138 -7.85 -27.12 11.67
C CYS B 138 -7.11 -27.81 12.76
N LYS B 139 -6.79 -29.12 12.61
CA LYS B 139 -6.06 -29.83 13.67
C LYS B 139 -4.62 -29.32 13.76
N GLY B 140 -3.96 -29.16 12.61
CA GLY B 140 -2.61 -28.62 12.61
C GLY B 140 -2.57 -27.22 13.20
N MET B 141 -3.55 -26.38 12.82
CA MET B 141 -3.61 -25.03 13.35
C MET B 141 -3.93 -25.00 14.84
N ASP B 142 -4.85 -25.87 15.30
CA ASP B 142 -5.15 -25.86 16.74
C ASP B 142 -3.89 -26.28 17.55
N TYR B 143 -3.09 -27.19 17.00
CA TYR B 143 -1.85 -27.62 17.65
C TYR B 143 -0.89 -26.43 17.72
N LEU B 144 -0.81 -25.68 16.62
CA LEU B 144 0.06 -24.52 16.59
C LEU B 144 -0.36 -23.49 17.66
N GLY B 145 -1.67 -23.23 17.79
CA GLY B 145 -2.19 -22.30 18.78
C GLY B 145 -1.96 -22.82 20.19
N SER B 146 -2.03 -24.16 20.40
CA SER B 146 -1.80 -24.73 21.74
C SER B 146 -0.32 -24.51 22.16
N ARG B 147 0.57 -24.27 21.19
CA ARG B 147 2.00 -23.97 21.42
C ARG B 147 2.22 -22.46 21.46
N GLN B 148 1.13 -21.67 21.55
CA GLN B 148 1.16 -20.20 21.65
C GLN B 148 1.75 -19.52 20.45
N TYR B 149 1.51 -20.10 19.25
CA TYR B 149 1.94 -19.46 18.01
C TYR B 149 0.76 -18.98 17.19
N VAL B 150 1.00 -17.86 16.46
CA VAL B 150 0.03 -17.34 15.50
C VAL B 150 0.79 -17.42 14.15
N HIS B 151 0.16 -18.04 13.17
CA HIS B 151 0.80 -18.33 11.88
C HIS B 151 0.97 -17.08 11.00
N ARG B 152 -0.14 -16.29 10.88
CA ARG B 152 -0.20 -15.03 10.13
C ARG B 152 -0.16 -15.20 8.62
N ASP B 153 -0.09 -16.42 8.07
CA ASP B 153 0.07 -16.56 6.63
C ASP B 153 -0.68 -17.81 6.14
N LEU B 154 -1.85 -18.09 6.76
CA LEU B 154 -2.58 -19.29 6.40
C LEU B 154 -3.36 -19.07 5.12
N ALA B 155 -2.93 -19.73 4.04
CA ALA B 155 -3.52 -19.63 2.72
C ALA B 155 -3.27 -20.96 2.06
N ALA B 156 -4.02 -21.25 0.98
CA ALA B 156 -3.85 -22.55 0.31
C ALA B 156 -2.43 -22.81 -0.20
N ARG B 157 -1.71 -21.75 -0.59
CA ARG B 157 -0.33 -21.88 -1.06
C ARG B 157 0.61 -22.42 0.05
N ASN B 158 0.20 -22.32 1.31
CA ASN B 158 1.00 -22.82 2.43
C ASN B 158 0.50 -24.14 3.01
N VAL B 159 -0.45 -24.77 2.33
CA VAL B 159 -0.99 -26.07 2.70
C VAL B 159 -0.47 -27.08 1.70
N LEU B 160 0.40 -27.98 2.14
CA LEU B 160 1.02 -28.97 1.26
C LEU B 160 0.22 -30.24 1.21
N VAL B 161 0.28 -30.91 0.03
CA VAL B 161 -0.49 -32.14 -0.13
C VAL B 161 0.46 -33.33 0.03
N GLU B 162 0.24 -34.16 1.07
CA GLU B 162 1.03 -35.37 1.27
C GLU B 162 0.48 -36.48 0.36
N SER B 163 -0.84 -36.53 0.21
CA SER B 163 -1.55 -37.50 -0.64
C SER B 163 -2.98 -36.97 -0.85
N GLU B 164 -3.78 -37.69 -1.67
CA GLU B 164 -5.19 -37.36 -1.82
C GLU B 164 -5.92 -37.48 -0.46
N HIS B 165 -5.30 -38.11 0.59
CA HIS B 165 -5.96 -38.29 1.90
C HIS B 165 -5.35 -37.40 3.01
N GLN B 166 -4.29 -36.64 2.72
CA GLN B 166 -3.64 -35.88 3.81
C GLN B 166 -2.98 -34.63 3.35
N VAL B 167 -3.20 -33.54 4.13
CA VAL B 167 -2.52 -32.27 3.92
C VAL B 167 -1.73 -31.88 5.17
N LYS B 168 -0.77 -30.96 4.98
CA LYS B 168 0.04 -30.51 6.11
C LYS B 168 0.28 -29.02 5.98
N ILE B 169 0.30 -28.28 7.11
CA ILE B 169 0.69 -26.86 7.04
CA ILE B 169 0.70 -26.86 7.09
C ILE B 169 2.19 -26.92 6.70
N GLY B 170 2.59 -26.18 5.68
CA GLY B 170 3.89 -26.32 5.10
C GLY B 170 4.91 -25.25 5.11
N ASP B 171 4.66 -24.17 5.86
CA ASP B 171 5.61 -23.07 5.95
C ASP B 171 5.23 -22.28 7.20
N PHE B 172 6.24 -21.67 7.85
CA PHE B 172 6.09 -20.92 9.09
C PHE B 172 6.87 -19.62 9.05
N GLY B 173 7.08 -19.09 7.85
CA GLY B 173 7.88 -17.87 7.63
C GLY B 173 7.40 -16.61 8.31
N LEU B 174 6.12 -16.51 8.66
CA LEU B 174 5.59 -15.32 9.33
C LEU B 174 5.14 -15.63 10.77
N THR B 175 5.32 -16.88 11.23
CA THR B 175 4.85 -17.29 12.53
C THR B 175 5.47 -16.50 13.70
N LYS B 176 4.62 -16.13 14.68
CA LYS B 176 5.04 -15.39 15.87
C LYS B 176 4.53 -16.07 17.08
N ALA B 177 5.26 -15.87 18.19
CA ALA B 177 4.86 -16.39 19.48
C ALA B 177 4.03 -15.34 20.20
N ILE B 178 2.85 -15.71 20.71
CA ILE B 178 2.04 -14.79 21.51
C ILE B 178 2.57 -14.94 22.93
N GLU B 179 2.88 -13.81 23.58
CA GLU B 179 3.41 -13.83 24.95
C GLU B 179 2.39 -14.43 25.90
N THR B 180 2.87 -15.19 26.91
CA THR B 180 2.02 -15.79 27.93
C THR B 180 1.12 -14.70 28.56
N ASP B 181 -0.17 -15.02 28.68
CA ASP B 181 -1.20 -14.15 29.26
C ASP B 181 -1.58 -12.93 28.38
N LYS B 182 -1.07 -12.91 27.13
CA LYS B 182 -1.45 -11.89 26.14
C LYS B 182 -2.33 -12.58 25.11
N GLU B 183 -3.12 -11.80 24.40
CA GLU B 183 -4.04 -12.36 23.40
C GLU B 183 -3.56 -12.19 21.98
N THR B 186 1.87 -7.97 18.14
CA THR B 186 1.80 -6.85 17.20
C THR B 186 3.02 -6.93 16.29
N VAL B 187 2.81 -6.84 14.98
CA VAL B 187 3.90 -6.90 14.02
C VAL B 187 4.32 -5.50 13.56
N LYS B 188 5.63 -5.20 13.71
CA LYS B 188 6.20 -3.92 13.28
C LYS B 188 6.45 -3.93 11.76
N ASP B 189 6.99 -5.05 11.22
CA ASP B 189 7.30 -5.18 9.79
C ASP B 189 6.18 -5.89 9.02
N ASP B 190 5.18 -5.11 8.59
CA ASP B 190 4.01 -5.63 7.87
C ASP B 190 4.13 -5.49 6.34
N ARG B 191 5.37 -5.33 5.82
CA ARG B 191 5.68 -5.11 4.41
C ARG B 191 5.11 -6.15 3.41
N ASP B 192 5.49 -7.44 3.52
CA ASP B 192 4.99 -8.44 2.57
C ASP B 192 3.75 -9.13 3.13
N SER B 193 2.65 -8.36 3.29
CA SER B 193 1.42 -8.87 3.91
C SER B 193 0.38 -9.44 2.94
N PRO B 194 -0.16 -10.64 3.24
CA PRO B 194 -1.24 -11.20 2.38
C PRO B 194 -2.58 -10.60 2.84
N VAL B 195 -2.79 -9.32 2.51
CA VAL B 195 -3.94 -8.56 2.99
C VAL B 195 -5.31 -9.21 2.68
N PHE B 196 -5.45 -9.95 1.57
CA PHE B 196 -6.77 -10.51 1.29
C PHE B 196 -7.13 -11.74 2.14
N TRP B 197 -6.20 -12.18 3.02
CA TRP B 197 -6.46 -13.26 3.96
C TRP B 197 -6.49 -12.73 5.40
N TYR B 198 -6.27 -11.40 5.58
CA TYR B 198 -6.13 -10.79 6.90
C TYR B 198 -7.44 -10.33 7.53
N ALA B 199 -7.54 -10.58 8.83
CA ALA B 199 -8.69 -10.12 9.60
C ALA B 199 -8.61 -8.59 9.78
N PRO B 200 -9.73 -7.93 10.12
CA PRO B 200 -9.71 -6.46 10.22
C PRO B 200 -8.70 -5.95 11.25
N GLU B 201 -8.52 -6.66 12.40
CA GLU B 201 -7.56 -6.20 13.43
C GLU B 201 -6.13 -6.26 12.93
N CYS B 202 -5.84 -7.19 11.99
CA CYS B 202 -4.50 -7.29 11.39
C CYS B 202 -4.27 -6.13 10.46
N LEU B 203 -5.31 -5.78 9.67
CA LEU B 203 -5.20 -4.69 8.71
C LEU B 203 -5.15 -3.34 9.41
N MET B 204 -5.98 -3.15 10.44
CA MET B 204 -6.09 -1.86 11.11
C MET B 204 -5.04 -1.56 12.15
N GLN B 205 -4.62 -2.58 12.88
CA GLN B 205 -3.71 -2.40 14.01
C GLN B 205 -2.51 -3.31 14.02
N SER B 206 -2.31 -4.14 12.96
CA SER B 206 -1.20 -5.11 12.91
C SER B 206 -1.20 -6.00 14.15
N LYS B 207 -2.41 -6.37 14.68
CA LYS B 207 -2.52 -7.24 15.82
C LYS B 207 -2.94 -8.62 15.34
N PHE B 208 -2.21 -9.65 15.80
CA PHE B 208 -2.47 -11.02 15.36
C PHE B 208 -2.85 -11.90 16.54
N TYR B 209 -4.13 -12.35 16.56
CA TYR B 209 -4.69 -13.22 17.58
C TYR B 209 -4.80 -14.64 16.97
N ILE B 210 -5.01 -15.66 17.82
CA ILE B 210 -5.35 -16.98 17.27
C ILE B 210 -6.63 -16.84 16.42
N ALA B 211 -7.59 -15.98 16.86
CA ALA B 211 -8.79 -15.74 16.08
C ALA B 211 -8.46 -15.12 14.70
N SER B 212 -7.29 -14.45 14.54
CA SER B 212 -6.95 -13.89 13.24
C SER B 212 -6.58 -15.06 12.29
N ASP B 213 -5.93 -16.12 12.85
CA ASP B 213 -5.67 -17.32 12.06
C ASP B 213 -6.99 -18.05 11.70
N VAL B 214 -8.01 -18.00 12.55
CA VAL B 214 -9.30 -18.59 12.22
C VAL B 214 -9.89 -17.84 11.01
N TRP B 215 -9.78 -16.50 10.97
CA TRP B 215 -10.28 -15.71 9.84
C TRP B 215 -9.54 -16.16 8.57
N SER B 216 -8.20 -16.27 8.64
CA SER B 216 -7.42 -16.71 7.49
CA SER B 216 -7.41 -16.71 7.49
C SER B 216 -7.81 -18.11 7.05
N PHE B 217 -8.14 -18.97 8.02
CA PHE B 217 -8.59 -20.32 7.69
C PHE B 217 -9.88 -20.24 6.85
N GLY B 218 -10.79 -19.36 7.23
CA GLY B 218 -12.04 -19.22 6.50
C GLY B 218 -11.77 -18.89 5.04
N VAL B 219 -10.77 -18.04 4.79
CA VAL B 219 -10.40 -17.71 3.41
C VAL B 219 -9.76 -18.93 2.72
N THR B 220 -8.87 -19.67 3.44
CA THR B 220 -8.26 -20.86 2.89
C THR B 220 -9.33 -21.91 2.53
N LEU B 221 -10.37 -22.03 3.37
CA LEU B 221 -11.47 -22.96 3.13
C LEU B 221 -12.20 -22.52 1.85
N HIS B 222 -12.36 -21.19 1.61
CA HIS B 222 -12.99 -20.71 0.39
C HIS B 222 -12.13 -21.16 -0.80
N GLU B 223 -10.78 -21.03 -0.69
CA GLU B 223 -9.88 -21.45 -1.76
C GLU B 223 -10.02 -22.95 -2.03
N LEU B 224 -9.99 -23.72 -0.98
CA LEU B 224 -10.14 -25.18 -1.10
C LEU B 224 -11.44 -25.57 -1.83
N LEU B 225 -12.54 -24.92 -1.46
CA LEU B 225 -13.85 -25.22 -2.05
C LEU B 225 -13.97 -24.75 -3.49
N THR B 226 -13.11 -23.80 -3.92
CA THR B 226 -13.10 -23.34 -5.32
C THR B 226 -11.98 -24.03 -6.08
N TYR B 227 -11.36 -25.05 -5.47
CA TYR B 227 -10.22 -25.77 -6.06
C TYR B 227 -9.09 -24.81 -6.47
N CYS B 228 -8.91 -23.71 -5.69
CA CYS B 228 -7.87 -22.72 -5.96
C CYS B 228 -7.94 -22.15 -7.39
N ASP B 229 -9.18 -21.95 -7.88
CA ASP B 229 -9.39 -21.34 -9.19
C ASP B 229 -8.88 -19.88 -9.13
N SER B 230 -7.97 -19.49 -10.05
CA SER B 230 -7.42 -18.12 -10.06
C SER B 230 -8.48 -17.04 -10.24
N ASP B 231 -9.52 -17.30 -11.08
CA ASP B 231 -10.53 -16.28 -11.36
C ASP B 231 -11.41 -15.98 -10.18
N SER B 232 -11.49 -16.91 -9.24
CA SER B 232 -12.30 -16.72 -8.06
C SER B 232 -11.44 -16.77 -6.80
N SER B 233 -10.19 -16.29 -6.91
CA SER B 233 -9.29 -16.24 -5.77
C SER B 233 -9.73 -15.13 -4.82
N PRO B 234 -9.35 -15.20 -3.54
CA PRO B 234 -9.75 -14.13 -2.60
C PRO B 234 -9.36 -12.75 -3.11
N MET B 235 -8.18 -12.64 -3.73
CA MET B 235 -7.75 -11.36 -4.28
C MET B 235 -8.69 -10.92 -5.41
N ALA B 236 -8.98 -11.81 -6.40
CA ALA B 236 -9.87 -11.45 -7.52
C ALA B 236 -11.27 -11.08 -7.01
N LEU B 237 -11.83 -11.88 -6.08
CA LEU B 237 -13.16 -11.60 -5.59
C LEU B 237 -13.25 -10.31 -4.76
N PHE B 238 -12.23 -10.02 -3.92
CA PHE B 238 -12.26 -8.76 -3.16
C PHE B 238 -12.00 -7.54 -4.09
N LEU B 239 -11.12 -7.69 -5.10
CA LEU B 239 -10.86 -6.58 -6.06
C LEU B 239 -12.12 -6.21 -6.83
N LYS B 240 -12.97 -7.21 -7.16
CA LYS B 240 -14.26 -6.97 -7.82
C LYS B 240 -15.23 -6.23 -6.89
N MET B 241 -15.22 -6.53 -5.57
CA MET B 241 -16.09 -5.85 -4.60
C MET B 241 -15.64 -4.41 -4.31
N ILE B 242 -14.31 -4.17 -4.29
CA ILE B 242 -13.78 -2.85 -3.92
C ILE B 242 -13.62 -1.91 -5.13
N GLY B 243 -13.50 -2.47 -6.32
CA GLY B 243 -13.36 -1.74 -7.57
C GLY B 243 -11.96 -1.23 -7.88
N PRO B 244 -11.79 -0.32 -8.90
CA PRO B 244 -10.45 0.19 -9.23
C PRO B 244 -9.81 0.94 -8.07
N THR B 245 -8.58 0.56 -7.75
CA THR B 245 -7.85 1.11 -6.62
C THR B 245 -6.33 1.02 -6.84
N HIS B 246 -5.59 1.93 -6.21
CA HIS B 246 -4.14 1.92 -6.25
C HIS B 246 -3.68 1.01 -5.12
N GLY B 247 -2.51 0.40 -5.28
CA GLY B 247 -1.92 -0.44 -4.24
C GLY B 247 -1.87 0.27 -2.90
N GLN B 248 -1.76 1.63 -2.91
CA GLN B 248 -1.72 2.41 -1.68
C GLN B 248 -3.10 2.51 -0.99
N MET B 249 -4.19 2.42 -1.76
CA MET B 249 -5.56 2.54 -1.25
C MET B 249 -6.31 1.21 -1.09
N THR B 250 -5.76 0.12 -1.64
CA THR B 250 -6.40 -1.19 -1.61
C THR B 250 -6.92 -1.56 -0.20
N VAL B 251 -6.04 -1.48 0.82
CA VAL B 251 -6.31 -1.87 2.20
C VAL B 251 -7.44 -1.06 2.83
N THR B 252 -7.44 0.28 2.63
CA THR B 252 -8.52 1.11 3.18
C THR B 252 -9.90 0.66 2.63
N ARG B 253 -9.98 0.42 1.30
CA ARG B 253 -11.21 0.00 0.63
C ARG B 253 -11.64 -1.40 1.11
N LEU B 254 -10.65 -2.27 1.35
CA LEU B 254 -10.88 -3.61 1.88
C LEU B 254 -11.44 -3.52 3.30
N VAL B 255 -10.78 -2.72 4.18
CA VAL B 255 -11.29 -2.52 5.53
C VAL B 255 -12.76 -1.97 5.50
N ASN B 256 -13.03 -0.99 4.61
CA ASN B 256 -14.39 -0.44 4.50
C ASN B 256 -15.39 -1.51 4.09
N THR B 257 -15.02 -2.36 3.11
CA THR B 257 -15.88 -3.45 2.62
C THR B 257 -16.18 -4.41 3.78
N LEU B 258 -15.17 -4.75 4.59
CA LEU B 258 -15.38 -5.64 5.74
C LEU B 258 -16.21 -5.00 6.82
N LYS B 259 -16.01 -3.69 7.06
CA LYS B 259 -16.82 -2.98 8.07
C LYS B 259 -18.29 -2.92 7.66
N GLU B 260 -18.56 -2.89 6.34
CA GLU B 260 -19.94 -2.85 5.83
C GLU B 260 -20.63 -4.23 5.98
N GLY B 261 -19.87 -5.27 6.36
CA GLY B 261 -20.40 -6.61 6.54
C GLY B 261 -20.28 -7.46 5.29
N LYS B 262 -19.63 -6.95 4.25
CA LYS B 262 -19.43 -7.72 3.01
C LYS B 262 -18.36 -8.79 3.23
N ARG B 263 -18.57 -9.96 2.62
CA ARG B 263 -17.67 -11.10 2.73
C ARG B 263 -17.58 -11.83 1.41
N LEU B 264 -16.59 -12.71 1.29
CA LEU B 264 -16.50 -13.52 0.10
C LEU B 264 -17.79 -14.34 -0.06
N PRO B 265 -18.26 -14.48 -1.31
CA PRO B 265 -19.51 -15.22 -1.53
C PRO B 265 -19.37 -16.72 -1.39
N CYS B 266 -20.49 -17.41 -1.31
CA CYS B 266 -20.49 -18.87 -1.21
C CYS B 266 -19.84 -19.46 -2.46
N PRO B 267 -18.83 -20.36 -2.31
CA PRO B 267 -18.25 -20.98 -3.51
C PRO B 267 -19.29 -21.75 -4.32
N PRO B 268 -19.11 -21.85 -5.66
CA PRO B 268 -20.05 -22.67 -6.45
C PRO B 268 -20.12 -24.09 -5.90
N ASN B 269 -21.35 -24.61 -5.82
CA ASN B 269 -21.68 -25.95 -5.37
C ASN B 269 -21.40 -26.21 -3.89
N CYS B 270 -21.04 -25.14 -3.14
CA CYS B 270 -20.74 -25.37 -1.73
C CYS B 270 -22.08 -25.36 -0.98
N PRO B 271 -22.44 -26.42 -0.22
CA PRO B 271 -23.70 -26.35 0.57
C PRO B 271 -23.70 -25.20 1.55
N ASP B 272 -24.89 -24.63 1.81
CA ASP B 272 -25.01 -23.52 2.74
C ASP B 272 -24.50 -23.81 4.13
N GLU B 273 -24.71 -25.05 4.63
CA GLU B 273 -24.25 -25.43 5.96
C GLU B 273 -22.71 -25.35 6.05
N VAL B 274 -22.00 -25.57 4.94
CA VAL B 274 -20.52 -25.46 4.95
C VAL B 274 -20.16 -23.97 4.94
N TYR B 275 -20.89 -23.17 4.13
CA TYR B 275 -20.67 -21.76 4.05
C TYR B 275 -20.91 -21.08 5.38
N GLN B 276 -21.94 -21.53 6.14
CA GLN B 276 -22.21 -20.93 7.45
C GLN B 276 -21.02 -21.14 8.42
N LEU B 277 -20.32 -22.30 8.34
CA LEU B 277 -19.12 -22.50 9.16
C LEU B 277 -18.04 -21.52 8.70
N MET B 278 -17.90 -21.36 7.38
CA MET B 278 -16.93 -20.41 6.84
C MET B 278 -17.25 -18.99 7.35
N ARG B 279 -18.54 -18.61 7.34
CA ARG B 279 -18.96 -17.27 7.82
C ARG B 279 -18.69 -17.03 9.29
N LYS B 280 -18.69 -18.08 10.12
CA LYS B 280 -18.36 -17.94 11.54
C LYS B 280 -16.88 -17.61 11.74
N CYS B 281 -16.03 -17.84 10.71
CA CYS B 281 -14.61 -17.47 10.77
C CYS B 281 -14.47 -15.97 10.59
N TRP B 282 -15.48 -15.32 10.04
CA TRP B 282 -15.40 -13.94 9.60
C TRP B 282 -16.25 -12.96 10.36
N GLU B 283 -16.55 -13.28 11.63
CA GLU B 283 -17.15 -12.28 12.51
C GLU B 283 -16.14 -11.14 12.63
N PHE B 284 -16.65 -9.89 12.58
CA PHE B 284 -15.75 -8.75 12.60
C PHE B 284 -14.85 -8.73 13.86
N GLN B 285 -15.43 -8.97 15.04
CA GLN B 285 -14.75 -8.99 16.31
C GLN B 285 -14.07 -10.34 16.55
N PRO B 286 -12.76 -10.35 16.82
CA PRO B 286 -12.07 -11.64 17.04
C PRO B 286 -12.75 -12.53 18.07
N SER B 287 -13.30 -11.94 19.16
CA SER B 287 -13.95 -12.70 20.23
C SER B 287 -15.25 -13.39 19.81
N ASN B 288 -15.89 -12.94 18.70
CA ASN B 288 -17.14 -13.53 18.23
C ASN B 288 -16.91 -14.67 17.22
N ARG B 289 -15.63 -14.90 16.79
CA ARG B 289 -15.37 -15.93 15.80
C ARG B 289 -15.39 -17.32 16.41
N THR B 290 -15.66 -18.31 15.55
CA THR B 290 -15.58 -19.71 15.96
C THR B 290 -14.10 -20.05 16.28
N SER B 291 -13.88 -21.21 16.89
CA SER B 291 -12.56 -21.67 17.24
C SER B 291 -12.22 -22.83 16.28
N PHE B 292 -10.96 -23.19 16.23
CA PHE B 292 -10.57 -24.35 15.45
C PHE B 292 -11.27 -25.61 15.95
N GLN B 293 -11.43 -25.77 17.27
CA GLN B 293 -12.13 -26.95 17.78
C GLN B 293 -13.59 -27.00 17.38
N ASN B 294 -14.31 -25.86 17.42
CA ASN B 294 -15.72 -25.85 16.98
C ASN B 294 -15.82 -26.13 15.48
N LEU B 295 -14.80 -25.69 14.68
CA LEU B 295 -14.81 -25.96 13.25
C LEU B 295 -14.66 -27.46 13.04
N ILE B 296 -13.73 -28.11 13.76
CA ILE B 296 -13.52 -29.55 13.63
C ILE B 296 -14.82 -30.27 13.97
N GLU B 297 -15.48 -29.88 15.08
CA GLU B 297 -16.76 -30.50 15.45
C GLU B 297 -17.83 -30.31 14.34
N GLY B 298 -17.91 -29.10 13.78
CA GLY B 298 -18.85 -28.76 12.72
C GLY B 298 -18.59 -29.59 11.47
N PHE B 299 -17.32 -29.68 11.05
CA PHE B 299 -17.03 -30.50 9.87
C PHE B 299 -17.26 -31.97 10.15
N GLU B 300 -16.90 -32.47 11.33
CA GLU B 300 -17.10 -33.90 11.61
C GLU B 300 -18.59 -34.22 11.59
N ALA B 301 -19.44 -33.29 12.07
CA ALA B 301 -20.91 -33.49 12.03
C ALA B 301 -21.45 -33.59 10.62
N LEU B 302 -20.85 -32.85 9.65
CA LEU B 302 -21.27 -32.90 8.26
C LEU B 302 -20.73 -34.12 7.56
N LEU B 303 -19.66 -34.72 8.08
CA LEU B 303 -19.06 -35.92 7.52
C LEU B 303 -19.73 -37.22 8.02
N LYS B 304 -20.50 -37.16 9.13
CA LYS B 304 -21.14 -38.35 9.70
C LYS B 304 -22.44 -38.72 8.97
#